data_5EIK
#
_entry.id   5EIK
#
_cell.length_a   126.340
_cell.length_b   126.340
_cell.length_c   135.570
_cell.angle_alpha   90.00
_cell.angle_beta   90.00
_cell.angle_gamma   120.00
#
_symmetry.space_group_name_H-M   'H 3 2'
#
loop_
_entity.id
_entity.type
_entity.pdbx_description
1 polymer 'Uncharacterized protein Y57A10A.28'
2 non-polymer '[(2R)-1-octadecanoyloxy-3-[oxidanyl-[(1R,2R,3S,4R,5R,6S)-2,3,6-tris(oxidanyl)-4,5-diphosphonooxy-cyclohexyl]oxy-phospho ryl]oxy-propan-2-yl] (8Z)-icosa-5,8,11,14-tetraenoate'
3 non-polymer 1-PALMITOYL-2-LINOLEOYL-SN-GLYCERO-3-PHOSPHOCHOLINE
4 non-polymer 'MAGNESIUM ION'
5 non-polymer 'ACETATE ION'
6 non-polymer DECYL-BETA-D-MALTOPYRANOSIDE
7 water water
#
_entity_poly.entity_id   1
_entity_poly.type   'polypeptide(L)'
_entity_poly.pdbx_seq_one_letter_code
;MGWVPDEWSIDHDTLIDAGGYVQKLKLYPYFDAAHYVLTCLSVRHDLGPDAISFSRKHPFSCWLSCMLMSFAGSFLSCFL
LGEPIISPLKQHADILLGSIVWYLVFYSPFDVVFRLATWFPVKLGLSVLKEVQRTHKIAAGVKHAVRIYPESYLVQILVG
VAKGAGSGVVKIVEQLARGTWHPTNHEILRPSFTTKACVIASIVFTLERHSMYVTAPHDLVYLCVVGFFIYFKLASLCLS
VHDVLMPIENVLHHHHHH
;
_entity_poly.pdbx_strand_id   A
#
# COMPACT_ATOMS: atom_id res chain seq x y z
N ILE A 10 -13.05 -17.14 -25.83
CA ILE A 10 -13.60 -15.77 -25.61
C ILE A 10 -12.82 -15.07 -24.50
N ASP A 11 -11.87 -15.78 -23.92
CA ASP A 11 -11.05 -15.24 -22.84
C ASP A 11 -10.75 -13.75 -22.96
N HIS A 12 -10.07 -13.37 -24.03
CA HIS A 12 -9.68 -11.98 -24.22
C HIS A 12 -10.81 -10.95 -24.23
N ASP A 13 -12.06 -11.41 -24.26
CA ASP A 13 -13.18 -10.48 -24.18
C ASP A 13 -13.62 -10.52 -22.73
N THR A 14 -13.51 -11.69 -22.13
CA THR A 14 -13.86 -11.92 -20.74
C THR A 14 -12.81 -11.21 -19.88
N LEU A 15 -11.55 -11.46 -20.16
CA LEU A 15 -10.44 -10.85 -19.44
C LEU A 15 -10.57 -9.34 -19.49
N ILE A 16 -10.85 -8.81 -20.68
CA ILE A 16 -10.99 -7.36 -20.82
C ILE A 16 -12.06 -6.83 -19.88
N ASP A 17 -13.14 -7.59 -19.73
CA ASP A 17 -14.22 -7.17 -18.84
C ASP A 17 -13.82 -7.26 -17.37
N ALA A 18 -13.06 -8.29 -17.04
CA ALA A 18 -12.62 -8.48 -15.66
C ALA A 18 -11.73 -7.30 -15.29
N GLY A 19 -10.89 -6.90 -16.23
CA GLY A 19 -9.99 -5.78 -16.01
C GLY A 19 -10.73 -4.49 -15.77
N GLY A 20 -11.74 -4.21 -16.58
CA GLY A 20 -12.50 -2.98 -16.40
C GLY A 20 -13.23 -3.10 -15.08
N TYR A 21 -13.59 -4.34 -14.76
CA TYR A 21 -14.31 -4.63 -13.54
C TYR A 21 -13.50 -4.22 -12.31
N VAL A 22 -12.33 -4.82 -12.17
CA VAL A 22 -11.44 -4.53 -11.05
C VAL A 22 -11.12 -3.05 -10.97
N GLN A 23 -10.84 -2.45 -12.12
CA GLN A 23 -10.50 -1.04 -12.18
C GLN A 23 -11.61 -0.09 -11.72
N LYS A 24 -12.85 -0.55 -11.71
CA LYS A 24 -13.97 0.29 -11.27
C LYS A 24 -14.42 0.03 -9.84
N LEU A 25 -13.86 -1.00 -9.21
CA LEU A 25 -14.21 -1.34 -7.84
C LEU A 25 -14.11 -0.14 -6.91
N LYS A 26 -15.16 0.07 -6.11
CA LYS A 26 -15.15 1.17 -5.16
C LYS A 26 -14.31 0.72 -3.96
N LEU A 27 -13.11 1.28 -3.86
CA LEU A 27 -12.16 0.92 -2.81
C LEU A 27 -12.65 1.19 -1.39
N TYR A 28 -13.32 2.32 -1.19
CA TYR A 28 -13.84 2.64 0.13
C TYR A 28 -15.15 1.86 0.36
N PRO A 29 -15.30 1.23 1.54
CA PRO A 29 -14.34 1.25 2.65
C PRO A 29 -13.61 -0.09 2.85
N TYR A 30 -14.04 -1.11 2.12
CA TYR A 30 -13.45 -2.43 2.29
C TYR A 30 -12.04 -2.66 1.78
N PHE A 31 -11.70 -2.13 0.62
CA PHE A 31 -10.34 -2.34 0.17
C PHE A 31 -9.42 -1.46 1.02
N ASP A 32 -9.91 -0.28 1.40
CA ASP A 32 -9.13 0.63 2.24
C ASP A 32 -8.88 0.02 3.62
N ALA A 33 -9.94 -0.50 4.23
CA ALA A 33 -9.84 -1.11 5.55
C ALA A 33 -8.83 -2.27 5.54
N ALA A 34 -8.81 -3.03 4.45
CA ALA A 34 -7.87 -4.15 4.33
C ALA A 34 -6.45 -3.60 4.44
N HIS A 35 -6.18 -2.52 3.71
CA HIS A 35 -4.86 -1.90 3.74
C HIS A 35 -4.57 -1.38 5.16
N TYR A 36 -5.53 -0.69 5.78
CA TYR A 36 -5.32 -0.18 7.14
C TYR A 36 -5.03 -1.31 8.11
N VAL A 37 -5.81 -2.39 8.03
CA VAL A 37 -5.62 -3.53 8.92
C VAL A 37 -4.23 -4.10 8.78
N LEU A 38 -3.80 -4.38 7.55
CA LEU A 38 -2.47 -4.92 7.33
C LEU A 38 -1.38 -3.94 7.78
N THR A 39 -1.59 -2.65 7.53
CA THR A 39 -0.62 -1.64 7.95
C THR A 39 -0.49 -1.65 9.48
N CYS A 40 -1.61 -1.70 10.19
CA CYS A 40 -1.59 -1.70 11.64
C CYS A 40 -0.94 -2.96 12.22
N LEU A 41 -1.21 -4.09 11.59
CA LEU A 41 -0.62 -5.35 12.02
C LEU A 41 0.89 -5.23 11.90
N SER A 42 1.34 -4.56 10.84
CA SER A 42 2.76 -4.38 10.61
C SER A 42 3.38 -3.51 11.71
N VAL A 43 2.74 -2.39 12.02
CA VAL A 43 3.24 -1.53 13.06
C VAL A 43 3.26 -2.28 14.39
N ARG A 44 2.25 -3.10 14.62
CA ARG A 44 2.17 -3.87 15.85
C ARG A 44 3.27 -4.92 15.94
N HIS A 45 3.57 -5.57 14.81
CA HIS A 45 4.62 -6.56 14.80
C HIS A 45 5.97 -5.87 15.06
N ASP A 46 6.17 -4.71 14.43
CA ASP A 46 7.41 -3.96 14.60
C ASP A 46 7.57 -3.38 16.00
N LEU A 47 6.47 -3.24 16.74
CA LEU A 47 6.54 -2.69 18.09
C LEU A 47 7.07 -3.68 19.11
N GLY A 48 6.95 -4.97 18.81
CA GLY A 48 7.45 -5.98 19.73
C GLY A 48 6.46 -6.62 20.69
N PRO A 49 6.97 -7.39 21.67
CA PRO A 49 6.19 -8.11 22.69
C PRO A 49 5.40 -7.17 23.60
N ASP A 50 5.97 -6.00 23.83
CA ASP A 50 5.34 -4.99 24.69
C ASP A 50 4.37 -4.11 23.92
N ALA A 51 4.15 -4.45 22.65
CA ALA A 51 3.25 -3.68 21.79
C ALA A 51 2.00 -3.20 22.51
N ILE A 52 1.27 -4.12 23.12
CA ILE A 52 0.05 -3.76 23.82
C ILE A 52 0.26 -2.82 24.99
N SER A 53 1.27 -3.08 25.83
CA SER A 53 1.53 -2.19 26.95
C SER A 53 1.92 -0.84 26.38
N PHE A 54 2.77 -0.86 25.35
CA PHE A 54 3.23 0.35 24.70
C PHE A 54 2.06 1.18 24.18
N SER A 55 1.13 0.52 23.50
CA SER A 55 -0.02 1.20 22.93
C SER A 55 -0.96 1.77 23.99
N ARG A 56 -1.01 1.13 25.14
CA ARG A 56 -1.89 1.62 26.20
C ARG A 56 -1.27 2.78 26.98
N LYS A 57 0.06 2.89 26.92
CA LYS A 57 0.77 3.96 27.61
C LYS A 57 0.99 5.17 26.70
N HIS A 58 1.10 4.93 25.39
CA HIS A 58 1.31 6.03 24.44
C HIS A 58 0.37 5.90 23.25
N PRO A 59 -0.93 6.04 23.49
CA PRO A 59 -1.94 5.93 22.44
C PRO A 59 -1.82 6.95 21.32
N PHE A 60 -1.51 8.19 21.65
CA PHE A 60 -1.36 9.22 20.63
C PHE A 60 -0.21 8.86 19.69
N SER A 61 0.90 8.44 20.27
CA SER A 61 2.07 8.08 19.49
C SER A 61 1.75 6.85 18.63
N CYS A 62 1.08 5.86 19.24
CA CYS A 62 0.72 4.65 18.53
C CYS A 62 -0.23 5.01 17.38
N TRP A 63 -1.25 5.81 17.66
CA TRP A 63 -2.18 6.21 16.62
C TRP A 63 -1.43 6.88 15.47
N LEU A 64 -0.51 7.78 15.80
CA LEU A 64 0.27 8.51 14.82
C LEU A 64 1.12 7.57 13.96
N SER A 65 1.80 6.64 14.61
CA SER A 65 2.63 5.69 13.89
C SER A 65 1.80 4.95 12.84
N CYS A 66 0.57 4.61 13.17
CA CYS A 66 -0.27 3.90 12.22
C CYS A 66 -0.83 4.78 11.11
N MET A 67 -1.18 6.02 11.44
CA MET A 67 -1.70 6.91 10.41
C MET A 67 -0.60 7.22 9.39
N LEU A 68 0.62 7.44 9.88
CA LEU A 68 1.72 7.77 8.98
C LEU A 68 1.98 6.64 7.99
N MET A 69 1.91 5.42 8.48
CA MET A 69 2.13 4.26 7.64
C MET A 69 0.93 3.99 6.74
N SER A 70 -0.25 4.22 7.27
CA SER A 70 -1.47 3.97 6.52
C SER A 70 -1.59 4.86 5.30
N PHE A 71 -1.01 6.05 5.39
CA PHE A 71 -1.09 7.00 4.29
C PHE A 71 0.29 7.42 3.77
N ALA A 72 1.27 6.55 4.00
CA ALA A 72 2.64 6.81 3.61
C ALA A 72 2.80 7.27 2.16
N GLY A 73 2.19 6.53 1.23
CA GLY A 73 2.26 6.87 -0.18
C GLY A 73 1.81 8.28 -0.48
N SER A 74 0.75 8.72 0.18
CA SER A 74 0.23 10.07 -0.03
C SER A 74 1.13 11.14 0.57
N PHE A 75 1.75 10.83 1.71
CA PHE A 75 2.65 11.79 2.33
C PHE A 75 3.90 11.96 1.47
N LEU A 76 4.46 10.86 1.00
CA LEU A 76 5.64 10.94 0.17
C LEU A 76 5.32 11.69 -1.12
N SER A 77 4.17 11.38 -1.69
CA SER A 77 3.74 12.02 -2.93
C SER A 77 3.69 13.53 -2.73
N CYS A 78 3.02 14.00 -1.67
CA CYS A 78 2.93 15.44 -1.42
C CYS A 78 4.32 16.02 -1.24
N PHE A 79 5.17 15.29 -0.53
CA PHE A 79 6.53 15.74 -0.30
C PHE A 79 7.25 15.98 -1.64
N LEU A 80 7.12 15.04 -2.57
CA LEU A 80 7.79 15.17 -3.87
C LEU A 80 7.25 16.32 -4.72
N LEU A 81 5.94 16.54 -4.66
CA LEU A 81 5.31 17.58 -5.46
C LEU A 81 5.28 18.96 -4.81
N GLY A 82 5.76 19.05 -3.58
CA GLY A 82 5.77 20.33 -2.89
C GLY A 82 4.39 20.77 -2.40
N GLU A 83 3.50 19.81 -2.17
CA GLU A 83 2.17 20.10 -1.68
C GLU A 83 2.26 20.01 -0.17
N PRO A 84 1.35 20.66 0.56
CA PRO A 84 1.39 20.58 2.03
C PRO A 84 1.42 19.10 2.45
N ILE A 85 2.42 18.73 3.26
CA ILE A 85 2.56 17.35 3.73
C ILE A 85 1.32 16.88 4.47
N ILE A 86 0.63 17.84 5.05
CA ILE A 86 -0.57 17.61 5.83
C ILE A 86 -1.81 17.27 5.00
N SER A 87 -1.78 17.58 3.71
CA SER A 87 -2.91 17.35 2.80
C SER A 87 -3.76 16.09 3.04
N PRO A 88 -3.12 14.91 3.04
CA PRO A 88 -3.84 13.65 3.25
C PRO A 88 -4.84 13.64 4.41
N LEU A 89 -4.52 14.34 5.49
CA LEU A 89 -5.37 14.40 6.68
C LEU A 89 -6.69 15.13 6.47
N LYS A 90 -6.91 15.61 5.25
CA LYS A 90 -8.13 16.33 4.92
C LYS A 90 -9.17 15.39 4.33
N GLN A 91 -8.82 14.11 4.25
CA GLN A 91 -9.73 13.10 3.73
C GLN A 91 -10.34 12.52 5.01
N HIS A 92 -11.23 13.30 5.61
CA HIS A 92 -11.90 12.94 6.85
C HIS A 92 -12.40 11.51 6.92
N ALA A 93 -13.17 11.10 5.93
CA ALA A 93 -13.68 9.73 5.90
C ALA A 93 -12.53 8.72 6.02
N ASP A 94 -11.47 8.93 5.24
CA ASP A 94 -10.31 8.03 5.26
C ASP A 94 -9.64 7.98 6.63
N ILE A 95 -9.37 9.16 7.19
CA ILE A 95 -8.73 9.23 8.50
C ILE A 95 -9.58 8.60 9.57
N LEU A 96 -10.90 8.79 9.48
CA LEU A 96 -11.78 8.20 10.47
C LEU A 96 -11.74 6.68 10.37
N LEU A 97 -11.91 6.15 9.15
CA LEU A 97 -11.87 4.71 8.94
C LEU A 97 -10.53 4.15 9.41
N GLY A 98 -9.45 4.87 9.12
CA GLY A 98 -8.13 4.43 9.53
C GLY A 98 -7.96 4.40 11.03
N SER A 99 -8.48 5.42 11.70
CA SER A 99 -8.38 5.49 13.15
C SER A 99 -9.23 4.38 13.81
N ILE A 100 -10.38 4.08 13.21
CA ILE A 100 -11.25 3.04 13.76
C ILE A 100 -10.56 1.68 13.65
N VAL A 101 -9.98 1.41 12.49
CA VAL A 101 -9.28 0.15 12.29
C VAL A 101 -8.15 0.05 13.30
N TRP A 102 -7.37 1.13 13.44
CA TRP A 102 -6.25 1.16 14.37
C TRP A 102 -6.75 0.89 15.80
N TYR A 103 -7.86 1.52 16.17
CA TYR A 103 -8.43 1.30 17.50
C TYR A 103 -8.79 -0.15 17.71
N LEU A 104 -9.44 -0.74 16.70
CA LEU A 104 -9.85 -2.13 16.77
C LEU A 104 -8.67 -3.10 16.79
N VAL A 105 -7.63 -2.81 16.00
CA VAL A 105 -6.48 -3.70 15.96
C VAL A 105 -5.71 -3.73 17.28
N PHE A 106 -5.59 -2.58 17.93
CA PHE A 106 -4.87 -2.52 19.19
C PHE A 106 -5.70 -2.71 20.44
N TYR A 107 -6.97 -2.33 20.41
CA TYR A 107 -7.79 -2.42 21.63
C TYR A 107 -9.06 -3.26 21.67
N SER A 108 -9.40 -3.97 20.59
CA SER A 108 -10.62 -4.78 20.62
C SER A 108 -10.54 -5.74 21.81
N PRO A 109 -11.66 -5.93 22.51
CA PRO A 109 -11.71 -6.83 23.67
C PRO A 109 -11.33 -8.25 23.30
N PHE A 110 -10.54 -8.88 24.17
CA PHE A 110 -10.08 -10.24 23.95
C PHE A 110 -9.23 -10.27 22.67
N ASP A 111 -8.93 -9.09 22.15
CA ASP A 111 -8.09 -8.96 20.96
C ASP A 111 -8.64 -9.76 19.76
N VAL A 112 -9.97 -9.86 19.65
CA VAL A 112 -10.57 -10.62 18.55
C VAL A 112 -10.21 -10.15 17.17
N VAL A 113 -10.22 -8.85 16.96
CA VAL A 113 -9.89 -8.32 15.65
C VAL A 113 -8.51 -8.76 15.23
N PHE A 114 -7.54 -8.58 16.12
CA PHE A 114 -6.16 -8.97 15.86
C PHE A 114 -6.10 -10.46 15.52
N ARG A 115 -6.68 -11.28 16.38
CA ARG A 115 -6.71 -12.73 16.20
C ARG A 115 -7.36 -13.16 14.88
N LEU A 116 -8.44 -12.49 14.53
CA LEU A 116 -9.11 -12.81 13.28
C LEU A 116 -8.25 -12.38 12.09
N ALA A 117 -7.66 -11.19 12.16
CA ALA A 117 -6.85 -10.68 11.06
C ALA A 117 -5.55 -11.44 10.82
N THR A 118 -5.03 -12.09 11.85
CA THR A 118 -3.79 -12.84 11.69
C THR A 118 -4.01 -14.31 11.34
N TRP A 119 -5.27 -14.73 11.26
CA TRP A 119 -5.57 -16.10 10.89
C TRP A 119 -5.28 -16.19 9.39
N PHE A 120 -4.30 -17.01 9.03
CA PHE A 120 -3.87 -17.14 7.64
C PHE A 120 -4.90 -16.94 6.52
N PRO A 121 -5.98 -17.72 6.52
CA PRO A 121 -6.98 -17.55 5.46
C PRO A 121 -7.43 -16.10 5.29
N VAL A 122 -7.62 -15.41 6.41
CA VAL A 122 -8.06 -14.01 6.40
C VAL A 122 -6.95 -13.07 5.96
N LYS A 123 -5.77 -13.24 6.56
CA LYS A 123 -4.63 -12.40 6.23
C LYS A 123 -4.39 -12.50 4.72
N LEU A 124 -4.68 -13.68 4.17
CA LEU A 124 -4.50 -13.90 2.75
C LEU A 124 -5.55 -13.14 1.94
N GLY A 125 -6.78 -13.13 2.44
CA GLY A 125 -7.83 -12.42 1.75
C GLY A 125 -7.58 -10.93 1.79
N LEU A 126 -7.11 -10.45 2.94
CA LEU A 126 -6.82 -9.03 3.10
C LEU A 126 -5.71 -8.60 2.16
N SER A 127 -4.70 -9.45 2.02
CA SER A 127 -3.57 -9.16 1.15
C SER A 127 -4.00 -8.98 -0.30
N VAL A 128 -4.98 -9.77 -0.72
CA VAL A 128 -5.47 -9.66 -2.09
C VAL A 128 -6.12 -8.30 -2.28
N LEU A 129 -7.01 -7.93 -1.37
CA LEU A 129 -7.68 -6.64 -1.45
C LEU A 129 -6.66 -5.51 -1.42
N LYS A 130 -5.63 -5.65 -0.58
CA LYS A 130 -4.63 -4.60 -0.49
C LYS A 130 -3.89 -4.42 -1.82
N GLU A 131 -3.56 -5.52 -2.48
CA GLU A 131 -2.87 -5.42 -3.75
C GLU A 131 -3.73 -4.70 -4.79
N VAL A 132 -5.04 -4.94 -4.74
CA VAL A 132 -5.93 -4.28 -5.67
C VAL A 132 -5.87 -2.77 -5.40
N GLN A 133 -5.87 -2.39 -4.13
CA GLN A 133 -5.82 -0.98 -3.76
C GLN A 133 -4.49 -0.32 -4.11
N ARG A 134 -3.38 -1.05 -3.96
CA ARG A 134 -2.08 -0.51 -4.31
C ARG A 134 -2.02 -0.14 -5.79
N THR A 135 -2.55 -1.02 -6.64
CA THR A 135 -2.56 -0.79 -8.08
C THR A 135 -3.28 0.52 -8.39
N HIS A 136 -4.38 0.75 -7.69
CA HIS A 136 -5.15 1.97 -7.88
C HIS A 136 -4.36 3.20 -7.41
N LYS A 137 -3.58 3.05 -6.32
CA LYS A 137 -2.78 4.18 -5.82
C LYS A 137 -1.74 4.61 -6.85
N ILE A 138 -1.04 3.63 -7.41
CA ILE A 138 -0.04 3.91 -8.42
C ILE A 138 -0.64 4.60 -9.62
N ALA A 139 -1.75 4.07 -10.13
CA ALA A 139 -2.41 4.64 -11.31
C ALA A 139 -2.87 6.06 -11.04
N ALA A 140 -3.44 6.27 -9.85
CA ALA A 140 -3.92 7.59 -9.47
C ALA A 140 -2.73 8.56 -9.36
N GLY A 141 -1.62 8.05 -8.82
CA GLY A 141 -0.44 8.86 -8.67
C GLY A 141 0.08 9.34 -10.02
N VAL A 142 0.09 8.42 -10.99
CA VAL A 142 0.55 8.74 -12.34
C VAL A 142 -0.35 9.78 -12.99
N LYS A 143 -1.66 9.57 -12.87
CA LYS A 143 -2.64 10.49 -13.44
C LYS A 143 -2.47 11.88 -12.83
N HIS A 144 -2.32 11.94 -11.51
CA HIS A 144 -2.14 13.22 -10.83
C HIS A 144 -0.90 13.93 -11.37
N ALA A 145 0.21 13.20 -11.46
CA ALA A 145 1.46 13.78 -11.95
C ALA A 145 1.34 14.26 -13.38
N VAL A 146 0.63 13.50 -14.21
CA VAL A 146 0.44 13.85 -15.61
C VAL A 146 -0.31 15.17 -15.77
N ARG A 147 -1.28 15.39 -14.89
CA ARG A 147 -2.08 16.61 -14.93
C ARG A 147 -1.25 17.83 -14.50
N ILE A 148 -0.24 17.62 -13.64
CA ILE A 148 0.58 18.75 -13.20
C ILE A 148 1.78 19.00 -14.09
N TYR A 149 2.49 17.92 -14.46
CA TYR A 149 3.68 18.01 -15.31
C TYR A 149 3.52 17.10 -16.52
N PRO A 150 2.69 17.53 -17.48
CA PRO A 150 2.39 16.81 -18.72
C PRO A 150 3.57 16.18 -19.49
N GLU A 151 4.73 16.83 -19.49
CA GLU A 151 5.86 16.29 -20.26
C GLU A 151 6.99 15.64 -19.45
N SER A 152 6.83 15.58 -18.13
CA SER A 152 7.86 15.00 -17.29
C SER A 152 7.60 13.54 -17.01
N TYR A 153 8.01 12.67 -17.93
CA TYR A 153 7.82 11.23 -17.80
C TYR A 153 8.43 10.67 -16.52
N LEU A 154 9.62 11.16 -16.18
CA LEU A 154 10.32 10.69 -15.00
C LEU A 154 9.55 11.02 -13.73
N VAL A 155 9.13 12.27 -13.59
CA VAL A 155 8.37 12.68 -12.42
C VAL A 155 7.11 11.82 -12.29
N GLN A 156 6.43 11.60 -13.42
CA GLN A 156 5.22 10.81 -13.44
C GLN A 156 5.48 9.40 -12.90
N ILE A 157 6.58 8.81 -13.32
CA ILE A 157 6.92 7.47 -12.87
C ILE A 157 7.24 7.45 -11.37
N LEU A 158 8.12 8.35 -10.94
CA LEU A 158 8.51 8.42 -9.54
C LEU A 158 7.31 8.66 -8.62
N VAL A 159 6.39 9.52 -9.03
CA VAL A 159 5.22 9.78 -8.22
C VAL A 159 4.39 8.49 -8.10
N GLY A 160 4.26 7.77 -9.21
CA GLY A 160 3.51 6.54 -9.20
C GLY A 160 4.12 5.54 -8.23
N VAL A 161 5.45 5.48 -8.24
CA VAL A 161 6.17 4.57 -7.36
C VAL A 161 6.02 5.01 -5.90
N ALA A 162 6.06 6.31 -5.67
CA ALA A 162 5.94 6.86 -4.32
C ALA A 162 4.59 6.49 -3.73
N LYS A 163 3.54 6.56 -4.55
CA LYS A 163 2.20 6.22 -4.09
C LYS A 163 2.08 4.72 -3.79
N GLY A 164 2.81 3.91 -4.53
CA GLY A 164 2.75 2.47 -4.34
C GLY A 164 3.73 1.85 -3.36
N ALA A 165 4.89 2.45 -3.17
CA ALA A 165 5.89 1.88 -2.26
C ALA A 165 6.50 2.85 -1.23
N GLY A 166 5.84 3.98 -0.99
CA GLY A 166 6.38 4.94 -0.04
C GLY A 166 6.41 4.53 1.43
N SER A 167 5.77 3.43 1.78
CA SER A 167 5.75 3.03 3.18
C SER A 167 7.16 2.75 3.73
N GLY A 168 8.07 2.39 2.84
CA GLY A 168 9.44 2.11 3.26
C GLY A 168 10.14 3.32 3.83
N VAL A 169 9.85 4.49 3.26
CA VAL A 169 10.46 5.71 3.73
C VAL A 169 9.90 6.07 5.09
N VAL A 170 8.58 6.05 5.20
CA VAL A 170 7.92 6.41 6.45
C VAL A 170 8.28 5.46 7.59
N LYS A 171 8.50 4.19 7.27
CA LYS A 171 8.88 3.23 8.30
C LYS A 171 10.19 3.69 8.94
N ILE A 172 11.18 4.00 8.12
CA ILE A 172 12.47 4.47 8.60
C ILE A 172 12.27 5.69 9.51
N VAL A 173 11.43 6.62 9.06
CA VAL A 173 11.15 7.81 9.86
C VAL A 173 10.63 7.42 11.23
N GLU A 174 9.71 6.46 11.28
CA GLU A 174 9.13 6.03 12.55
C GLU A 174 10.11 5.29 13.46
N GLN A 175 11.02 4.53 12.88
CA GLN A 175 11.98 3.79 13.68
C GLN A 175 13.02 4.74 14.26
N LEU A 176 13.20 5.89 13.60
CA LEU A 176 14.14 6.88 14.08
C LEU A 176 13.48 7.62 15.24
N ALA A 177 12.21 7.98 15.06
CA ALA A 177 11.47 8.69 16.08
C ALA A 177 11.21 7.81 17.30
N ARG A 178 11.12 6.50 17.09
CA ARG A 178 10.90 5.57 18.19
C ARG A 178 12.21 5.11 18.80
N GLY A 179 13.32 5.57 18.22
CA GLY A 179 14.63 5.20 18.72
C GLY A 179 15.05 3.75 18.52
N THR A 180 14.50 3.07 17.51
CA THR A 180 14.86 1.68 17.30
C THR A 180 15.59 1.36 16.00
N TRP A 181 15.70 2.35 15.11
CA TRP A 181 16.38 2.09 13.84
C TRP A 181 17.77 1.49 14.02
N HIS A 182 18.13 0.59 13.13
CA HIS A 182 19.44 -0.04 13.16
C HIS A 182 19.73 -0.56 11.76
N PRO A 183 21.02 -0.69 11.43
CA PRO A 183 21.42 -1.19 10.10
C PRO A 183 20.71 -2.50 9.79
N THR A 184 20.68 -2.87 8.51
CA THR A 184 20.03 -4.11 8.11
C THR A 184 21.02 -4.96 7.33
N ASN A 185 22.30 -4.84 7.70
CA ASN A 185 23.37 -5.57 7.04
C ASN A 185 23.34 -7.10 7.11
N HIS A 186 22.69 -7.71 6.11
CA HIS A 186 22.60 -9.15 5.98
C HIS A 186 22.11 -9.97 7.18
N GLU A 187 21.07 -9.52 7.87
CA GLU A 187 20.57 -10.31 9.00
C GLU A 187 19.90 -11.57 8.45
N ILE A 188 18.96 -11.36 7.53
CA ILE A 188 18.24 -12.45 6.89
C ILE A 188 18.09 -12.11 5.41
N LEU A 189 17.64 -13.07 4.61
CA LEU A 189 17.46 -12.84 3.19
C LEU A 189 15.98 -12.70 2.85
N ARG A 190 15.49 -11.46 2.88
CA ARG A 190 14.09 -11.18 2.59
C ARG A 190 13.89 -10.76 1.14
N PRO A 191 13.39 -11.69 0.29
CA PRO A 191 13.15 -11.42 -1.13
C PRO A 191 11.82 -10.70 -1.39
N SER A 192 11.87 -9.37 -1.47
CA SER A 192 10.66 -8.58 -1.71
C SER A 192 10.73 -7.93 -3.09
N PHE A 193 9.73 -8.21 -3.92
CA PHE A 193 9.68 -7.68 -5.28
C PHE A 193 8.69 -6.53 -5.40
N THR A 194 8.03 -6.20 -4.30
CA THR A 194 7.02 -5.15 -4.25
C THR A 194 7.38 -3.83 -4.93
N THR A 195 8.41 -3.16 -4.44
CA THR A 195 8.79 -1.88 -5.01
C THR A 195 9.32 -1.98 -6.43
N LYS A 196 10.00 -3.07 -6.76
CA LYS A 196 10.49 -3.24 -8.13
C LYS A 196 9.23 -3.42 -9.02
N ALA A 197 8.21 -4.07 -8.48
CA ALA A 197 6.95 -4.27 -9.21
C ALA A 197 6.19 -2.94 -9.34
N CYS A 198 6.29 -2.08 -8.33
CA CYS A 198 5.64 -0.76 -8.39
C CYS A 198 6.31 0.08 -9.46
N VAL A 199 7.62 -0.11 -9.63
CA VAL A 199 8.37 0.64 -10.63
C VAL A 199 7.86 0.24 -12.00
N ILE A 200 7.79 -1.06 -12.25
CA ILE A 200 7.30 -1.56 -13.53
C ILE A 200 5.87 -1.10 -13.78
N ALA A 201 5.00 -1.30 -12.80
CA ALA A 201 3.61 -0.88 -12.92
C ALA A 201 3.53 0.61 -13.24
N SER A 202 4.36 1.39 -12.58
CA SER A 202 4.35 2.83 -12.78
C SER A 202 4.78 3.22 -14.20
N ILE A 203 5.85 2.59 -14.67
CA ILE A 203 6.34 2.85 -16.02
C ILE A 203 5.22 2.51 -17.01
N VAL A 204 4.65 1.32 -16.84
CA VAL A 204 3.58 0.84 -17.71
C VAL A 204 2.40 1.78 -17.77
N PHE A 205 1.97 2.31 -16.63
CA PHE A 205 0.84 3.23 -16.60
C PHE A 205 1.22 4.56 -17.21
N THR A 206 2.48 4.94 -17.06
CA THR A 206 2.94 6.20 -17.62
C THR A 206 2.90 6.08 -19.13
N LEU A 207 3.52 5.01 -19.64
CA LEU A 207 3.55 4.76 -21.07
C LEU A 207 2.13 4.72 -21.62
N GLU A 208 1.29 3.99 -20.91
CA GLU A 208 -0.11 3.83 -21.26
C GLU A 208 -0.78 5.20 -21.39
N ARG A 209 -0.43 6.10 -20.47
CA ARG A 209 -0.98 7.45 -20.45
C ARG A 209 -0.53 8.29 -21.65
N HIS A 210 0.60 7.91 -22.24
CA HIS A 210 1.12 8.64 -23.38
C HIS A 210 0.93 7.82 -24.65
N SER A 211 0.14 6.77 -24.53
CA SER A 211 -0.18 5.88 -25.64
C SER A 211 1.03 5.59 -26.52
N MET A 212 2.02 4.90 -25.97
CA MET A 212 3.21 4.62 -26.76
C MET A 212 3.39 3.13 -27.07
N TYR A 213 4.30 2.49 -26.34
CA TYR A 213 4.60 1.07 -26.55
C TYR A 213 3.47 0.12 -26.18
N VAL A 214 2.48 0.62 -25.45
CA VAL A 214 1.36 -0.22 -25.04
C VAL A 214 0.22 -0.20 -26.06
N THR A 215 0.21 -1.22 -26.91
CA THR A 215 -0.82 -1.34 -27.94
C THR A 215 -1.92 -2.25 -27.42
N ALA A 216 -1.66 -2.85 -26.27
CA ALA A 216 -2.62 -3.76 -25.65
C ALA A 216 -3.78 -2.97 -25.04
N PRO A 217 -4.94 -3.62 -24.88
CA PRO A 217 -6.12 -2.96 -24.30
C PRO A 217 -5.77 -2.58 -22.86
N HIS A 218 -5.90 -1.30 -22.53
CA HIS A 218 -5.57 -0.84 -21.18
C HIS A 218 -6.22 -1.65 -20.06
N ASP A 219 -7.49 -1.97 -20.21
CA ASP A 219 -8.17 -2.75 -19.18
C ASP A 219 -7.56 -4.12 -19.00
N LEU A 220 -6.89 -4.61 -20.04
CA LEU A 220 -6.24 -5.92 -19.97
C LEU A 220 -4.90 -5.78 -19.28
N VAL A 221 -4.20 -4.69 -19.58
CA VAL A 221 -2.90 -4.43 -18.97
C VAL A 221 -3.14 -4.27 -17.47
N TYR A 222 -4.19 -3.53 -17.14
CA TYR A 222 -4.53 -3.32 -15.76
C TYR A 222 -4.69 -4.65 -15.04
N LEU A 223 -5.41 -5.57 -15.69
CA LEU A 223 -5.65 -6.89 -15.11
C LEU A 223 -4.33 -7.59 -14.85
N CYS A 224 -3.41 -7.50 -15.81
CA CYS A 224 -2.11 -8.13 -15.66
C CYS A 224 -1.33 -7.54 -14.50
N VAL A 225 -1.33 -6.21 -14.38
CA VAL A 225 -0.61 -5.57 -13.29
C VAL A 225 -1.15 -6.05 -11.95
N VAL A 226 -2.45 -5.97 -11.77
CA VAL A 226 -3.07 -6.44 -10.53
C VAL A 226 -2.71 -7.92 -10.32
N GLY A 227 -2.83 -8.70 -11.39
CA GLY A 227 -2.53 -10.11 -11.32
C GLY A 227 -1.11 -10.38 -10.83
N PHE A 228 -0.16 -9.65 -11.37
CA PHE A 228 1.22 -9.84 -10.94
C PHE A 228 1.41 -9.43 -9.49
N PHE A 229 0.78 -8.33 -9.08
CA PHE A 229 0.90 -7.89 -7.69
C PHE A 229 0.39 -8.97 -6.77
N ILE A 230 -0.82 -9.46 -7.05
CA ILE A 230 -1.40 -10.50 -6.21
C ILE A 230 -0.51 -11.73 -6.21
N TYR A 231 0.01 -12.09 -7.39
CA TYR A 231 0.87 -13.25 -7.48
C TYR A 231 2.12 -13.13 -6.60
N PHE A 232 2.95 -12.13 -6.87
CA PHE A 232 4.16 -11.94 -6.10
C PHE A 232 3.86 -11.87 -4.60
N LYS A 233 2.74 -11.23 -4.27
CA LYS A 233 2.36 -11.11 -2.87
C LYS A 233 1.99 -12.47 -2.29
N LEU A 234 1.15 -13.22 -2.99
CA LEU A 234 0.74 -14.53 -2.51
C LEU A 234 1.93 -15.50 -2.45
N ALA A 235 2.84 -15.36 -3.40
CA ALA A 235 4.03 -16.21 -3.44
C ALA A 235 4.84 -16.05 -2.16
N SER A 236 5.14 -14.80 -1.80
CA SER A 236 5.93 -14.55 -0.60
C SER A 236 5.21 -15.00 0.67
N LEU A 237 3.89 -14.99 0.66
CA LEU A 237 3.12 -15.41 1.84
C LEU A 237 3.09 -16.92 2.04
N CYS A 238 2.97 -17.66 0.95
CA CYS A 238 2.96 -19.12 1.03
C CYS A 238 4.37 -19.68 1.12
N LEU A 239 5.31 -18.98 0.49
CA LEU A 239 6.70 -19.41 0.47
C LEU A 239 7.58 -18.67 1.47
N SER A 240 8.88 -18.90 1.38
CA SER A 240 9.85 -18.28 2.27
C SER A 240 11.15 -17.91 1.57
N VAL A 241 11.54 -18.67 0.54
CA VAL A 241 12.83 -18.38 -0.11
C VAL A 241 13.04 -18.77 -1.58
N HIS A 242 12.03 -19.27 -2.30
CA HIS A 242 12.29 -19.65 -3.69
C HIS A 242 11.42 -19.21 -4.87
N ASP A 243 10.49 -18.27 -4.68
CA ASP A 243 9.64 -17.82 -5.79
C ASP A 243 9.75 -16.33 -6.07
#